data_1USW
#
_entry.id   1USW
#
_cell.length_a   39.200
_cell.length_b   47.180
_cell.length_c   62.400
_cell.angle_alpha   90.00
_cell.angle_beta   96.14
_cell.angle_gamma   90.00
#
_symmetry.space_group_name_H-M   'P 1 21 1'
#
loop_
_entity.id
_entity.type
_entity.pdbx_description
1 polymer 'FERULOYL ESTERASE A'
2 branched 2-acetamido-2-deoxy-beta-D-glucopyranose-(1-4)-2-acetamido-2-deoxy-beta-D-glucopyranose
3 non-polymer 'SULFATE ION'
4 water water
#
_entity_poly.entity_id   1
_entity_poly.type   'polypeptide(L)'
_entity_poly.pdbx_seq_one_letter_code
;ASTQGISEDLYNRLVEMATISQAAYADLCNIPSTIIKGEKIYNAQTDINGWILRDDTSKEIITVFRGTGSDTNLQLDTNY
TLTPFDTLPQCNDCEVHGGYYIGWISVQDQVESLVKQQASQYPDYALTVTGHSLGASMAALTAAQLSATYDNVRLYTFGE
PRSGNQAFASYMNDAFQVSSPETTQYFRVTHSNDGIPNLPPADEGYAHGGVEYWSVDPYSAQNTFVCTGDEVQCCEAQGG
QGVNDAHTTYFGMTSGACTW
;
_entity_poly.pdbx_strand_id   A
#
# COMPACT_ATOMS: atom_id res chain seq x y z
N ALA A 1 -16.12 3.56 -14.57
CA ALA A 1 -16.00 3.23 -13.12
C ALA A 1 -15.87 1.73 -12.88
N SER A 2 -16.09 0.91 -13.91
CA SER A 2 -15.97 -0.55 -13.73
C SER A 2 -15.92 -1.40 -15.00
N THR A 3 -14.93 -2.29 -15.05
CA THR A 3 -14.75 -3.21 -16.17
C THR A 3 -14.20 -4.48 -15.54
N GLN A 4 -14.55 -5.64 -16.10
CA GLN A 4 -14.07 -6.90 -15.55
C GLN A 4 -12.90 -7.48 -16.34
N GLY A 5 -11.93 -8.05 -15.62
CA GLY A 5 -10.79 -8.67 -16.29
C GLY A 5 -9.53 -7.85 -16.53
N ILE A 6 -8.39 -8.45 -16.17
CA ILE A 6 -7.10 -7.81 -16.36
C ILE A 6 -6.09 -8.80 -16.95
N SER A 7 -5.07 -8.28 -17.63
CA SER A 7 -4.06 -9.12 -18.25
C SER A 7 -3.44 -10.07 -17.22
N GLU A 8 -2.85 -11.14 -17.72
CA GLU A 8 -2.23 -12.13 -16.85
C GLU A 8 -1.00 -11.51 -16.17
N ASP A 9 -0.12 -10.92 -16.98
CA ASP A 9 1.08 -10.25 -16.49
C ASP A 9 0.70 -9.33 -15.35
N LEU A 10 -0.32 -8.51 -15.56
CA LEU A 10 -0.76 -7.60 -14.52
C LEU A 10 -1.20 -8.36 -13.27
N TYR A 11 -2.06 -9.37 -13.45
CA TYR A 11 -2.54 -10.17 -12.32
C TYR A 11 -1.38 -10.83 -11.56
N ASN A 12 -0.37 -11.30 -12.30
CA ASN A 12 0.78 -11.95 -11.70
C ASN A 12 1.64 -10.98 -10.87
N ARG A 13 1.73 -9.73 -11.32
CA ARG A 13 2.49 -8.74 -10.55
C ARG A 13 1.75 -8.49 -9.24
N LEU A 14 0.42 -8.41 -9.32
CA LEU A 14 -0.41 -8.18 -8.13
C LEU A 14 -0.25 -9.35 -7.14
N VAL A 15 -0.35 -10.57 -7.65
CA VAL A 15 -0.19 -11.72 -6.78
C VAL A 15 1.24 -11.74 -6.27
N GLU A 16 2.16 -11.23 -7.09
CA GLU A 16 3.56 -11.18 -6.73
C GLU A 16 3.86 -10.26 -5.55
N MET A 17 3.31 -9.03 -5.54
CA MET A 17 3.58 -8.11 -4.42
C MET A 17 2.69 -8.45 -3.25
N ALA A 18 1.60 -9.16 -3.50
CA ALA A 18 0.71 -9.57 -2.44
C ALA A 18 1.43 -10.63 -1.60
N THR A 19 2.38 -11.32 -2.23
CA THR A 19 3.16 -12.35 -1.56
C THR A 19 4.25 -11.75 -0.68
N ILE A 20 4.69 -10.55 -1.02
CA ILE A 20 5.74 -9.90 -0.24
C ILE A 20 5.14 -9.26 1.01
N SER A 21 3.93 -8.71 0.87
CA SER A 21 3.26 -8.06 2.00
C SER A 21 2.92 -9.05 3.12
N GLN A 22 2.40 -10.21 2.76
CA GLN A 22 2.05 -11.24 3.75
C GLN A 22 3.32 -11.87 4.33
N ALA A 23 4.32 -12.06 3.47
CA ALA A 23 5.59 -12.64 3.90
C ALA A 23 6.23 -11.80 4.99
N ALA A 24 5.87 -10.52 5.05
CA ALA A 24 6.43 -9.60 6.04
C ALA A 24 5.98 -9.91 7.47
N TYR A 25 4.80 -10.53 7.63
CA TYR A 25 4.28 -10.88 8.95
C TYR A 25 5.19 -11.93 9.58
N ALA A 26 5.91 -12.64 8.73
CA ALA A 26 6.85 -13.64 9.19
C ALA A 26 8.22 -12.99 8.98
N ASP A 27 9.12 -13.65 8.28
CA ASP A 27 10.41 -13.02 8.06
C ASP A 27 10.74 -13.02 6.59
N LEU A 28 9.79 -12.51 5.80
CA LEU A 28 9.92 -12.46 4.36
C LEU A 28 10.11 -13.89 3.92
N CYS A 29 9.11 -14.69 4.25
CA CYS A 29 9.06 -16.11 3.95
C CYS A 29 9.56 -16.55 2.58
N ASN A 30 8.77 -17.34 1.88
CA ASN A 30 9.19 -17.82 0.58
C ASN A 30 8.93 -16.82 -0.55
N ILE A 31 9.63 -15.70 -0.48
CA ILE A 31 9.50 -14.65 -1.47
C ILE A 31 10.37 -15.02 -2.67
N PRO A 32 10.12 -14.40 -3.83
CA PRO A 32 10.91 -14.71 -5.01
C PRO A 32 12.43 -14.69 -4.75
N SER A 33 13.13 -15.72 -5.24
CA SER A 33 14.56 -15.84 -5.02
C SER A 33 15.40 -14.87 -5.86
N THR A 34 14.74 -14.11 -6.73
CA THR A 34 15.45 -13.15 -7.56
C THR A 34 15.78 -11.91 -6.74
N ILE A 35 15.06 -11.69 -5.66
CA ILE A 35 15.28 -10.51 -4.85
C ILE A 35 16.21 -10.75 -3.64
N ILE A 36 17.05 -9.75 -3.37
CA ILE A 36 18.01 -9.75 -2.27
C ILE A 36 17.44 -8.99 -1.05
N LYS A 37 17.47 -9.62 0.11
CA LYS A 37 16.94 -8.96 1.31
C LYS A 37 17.92 -7.89 1.79
N GLY A 38 17.41 -6.69 2.06
CA GLY A 38 18.26 -5.61 2.51
C GLY A 38 18.14 -5.36 4.00
N GLU A 39 18.26 -4.10 4.40
CA GLU A 39 18.17 -3.78 5.81
C GLU A 39 16.76 -3.74 6.37
N LYS A 40 16.66 -4.09 7.65
CA LYS A 40 15.41 -4.11 8.37
C LYS A 40 15.02 -2.70 8.75
N ILE A 41 13.71 -2.43 8.75
CA ILE A 41 13.18 -1.14 9.11
C ILE A 41 12.52 -1.30 10.48
N TYR A 42 13.01 -0.55 11.45
CA TYR A 42 12.49 -0.68 12.80
C TYR A 42 12.56 0.54 13.70
N ASN A 43 11.60 0.59 14.62
CA ASN A 43 11.46 1.61 15.64
C ASN A 43 10.64 0.85 16.69
N ALA A 44 11.17 0.74 17.89
CA ALA A 44 10.48 -0.01 18.94
C ALA A 44 9.35 0.71 19.66
N GLN A 45 9.26 2.03 19.50
CA GLN A 45 8.21 2.78 20.16
C GLN A 45 6.87 2.71 19.45
N THR A 46 6.90 2.23 18.21
CA THR A 46 5.72 2.10 17.39
C THR A 46 5.61 0.66 16.86
N ASP A 47 6.74 -0.03 16.88
CA ASP A 47 6.85 -1.38 16.37
C ASP A 47 6.58 -1.42 14.88
N ILE A 48 7.10 -0.44 14.15
CA ILE A 48 6.94 -0.44 12.71
C ILE A 48 8.05 -1.37 12.21
N ASN A 49 7.70 -2.34 11.37
CA ASN A 49 8.68 -3.27 10.84
C ASN A 49 8.60 -3.25 9.32
N GLY A 50 9.76 -3.09 8.68
CA GLY A 50 9.79 -3.06 7.23
C GLY A 50 11.08 -3.64 6.70
N TRP A 51 11.24 -3.60 5.39
CA TRP A 51 12.44 -4.11 4.75
C TRP A 51 12.78 -3.34 3.49
N ILE A 52 14.02 -3.49 3.03
CA ILE A 52 14.45 -2.88 1.78
C ILE A 52 14.96 -4.05 0.98
N LEU A 53 14.38 -4.26 -0.20
CA LEU A 53 14.78 -5.35 -1.05
C LEU A 53 15.23 -4.77 -2.38
N ARG A 54 15.98 -5.55 -3.14
CA ARG A 54 16.45 -5.11 -4.44
C ARG A 54 16.42 -6.32 -5.36
N ASP A 55 15.96 -6.12 -6.59
CA ASP A 55 15.91 -7.19 -7.56
C ASP A 55 16.90 -6.83 -8.66
N ASP A 56 18.04 -7.52 -8.69
CA ASP A 56 19.05 -7.26 -9.71
C ASP A 56 18.76 -8.02 -10.98
N THR A 57 17.57 -8.59 -11.05
CA THR A 57 17.12 -9.37 -12.20
C THR A 57 15.90 -8.68 -12.81
N SER A 58 15.27 -7.83 -12.00
CA SER A 58 14.08 -7.09 -12.40
C SER A 58 14.36 -5.60 -12.52
N LYS A 59 15.39 -5.14 -11.81
CA LYS A 59 15.82 -3.73 -11.80
C LYS A 59 14.97 -2.77 -10.96
N GLU A 60 14.66 -3.15 -9.72
CA GLU A 60 13.87 -2.27 -8.88
C GLU A 60 14.23 -2.36 -7.39
N ILE A 61 13.91 -1.29 -6.67
CA ILE A 61 14.14 -1.24 -5.23
C ILE A 61 12.75 -1.31 -4.60
N ILE A 62 12.55 -2.30 -3.73
CA ILE A 62 11.26 -2.52 -3.08
C ILE A 62 11.25 -2.34 -1.56
N THR A 63 10.32 -1.53 -1.07
CA THR A 63 10.18 -1.28 0.35
C THR A 63 8.90 -1.99 0.80
N VAL A 64 9.00 -2.85 1.81
CA VAL A 64 7.84 -3.60 2.32
C VAL A 64 7.51 -3.33 3.79
N PHE A 65 6.28 -2.94 4.05
CA PHE A 65 5.88 -2.68 5.43
C PHE A 65 5.00 -3.80 5.95
N ARG A 66 5.30 -4.26 7.16
CA ARG A 66 4.50 -5.30 7.77
C ARG A 66 3.27 -4.60 8.35
N GLY A 67 2.13 -5.29 8.30
CA GLY A 67 0.92 -4.70 8.84
C GLY A 67 0.90 -4.77 10.34
N THR A 68 -0.31 -4.77 10.90
CA THR A 68 -0.51 -4.82 12.33
C THR A 68 -0.17 -6.20 12.87
N GLY A 69 0.73 -6.24 13.86
CA GLY A 69 1.14 -7.50 14.46
C GLY A 69 1.40 -7.37 15.95
N SER A 70 0.85 -6.32 16.54
CA SER A 70 1.02 -6.06 17.95
C SER A 70 -0.01 -5.03 18.43
N ASP A 71 -0.13 -4.90 19.75
CA ASP A 71 -1.08 -3.97 20.35
C ASP A 71 -0.61 -2.52 20.12
N THR A 72 0.70 -2.35 19.99
CA THR A 72 1.30 -1.05 19.74
C THR A 72 0.90 -0.59 18.34
N ASN A 73 0.84 -1.53 17.39
CA ASN A 73 0.43 -1.21 16.03
C ASN A 73 -1.07 -0.95 16.05
N LEU A 74 -1.76 -1.60 16.97
CA LEU A 74 -3.20 -1.43 17.10
C LEU A 74 -3.55 -0.03 17.59
N GLN A 75 -2.68 0.56 18.40
CA GLN A 75 -2.93 1.89 18.93
C GLN A 75 -2.84 2.93 17.81
N LEU A 76 -2.08 2.61 16.77
CA LEU A 76 -1.94 3.51 15.63
C LEU A 76 -3.15 3.32 14.70
N ASP A 77 -3.72 2.13 14.73
CA ASP A 77 -4.85 1.81 13.89
C ASP A 77 -6.14 2.55 14.26
N THR A 78 -6.51 2.55 15.53
CA THR A 78 -7.75 3.19 15.99
C THR A 78 -7.79 4.73 15.97
N ASN A 79 -6.64 5.39 15.92
CA ASN A 79 -6.60 6.84 15.89
C ASN A 79 -7.11 7.37 14.55
N TYR A 80 -8.29 7.99 14.53
CA TYR A 80 -8.85 8.52 13.28
C TYR A 80 -8.69 10.02 13.10
N THR A 81 -7.93 10.65 13.99
CA THR A 81 -7.72 12.09 13.94
C THR A 81 -6.89 12.50 12.74
N LEU A 82 -7.34 13.52 12.03
CA LEU A 82 -6.61 14.03 10.86
C LEU A 82 -5.57 15.04 11.31
N THR A 83 -4.45 15.11 10.59
CA THR A 83 -3.39 16.04 10.94
C THR A 83 -2.63 16.45 9.69
N PRO A 84 -2.20 17.72 9.63
CA PRO A 84 -1.46 18.23 8.48
C PRO A 84 -0.30 17.32 8.13
N PHE A 85 -0.16 17.01 6.84
CA PHE A 85 0.92 16.16 6.36
C PHE A 85 2.13 17.08 6.16
N ASP A 86 2.53 17.74 7.25
CA ASP A 86 3.62 18.70 7.28
C ASP A 86 4.95 18.27 6.69
N THR A 87 5.14 16.98 6.44
CA THR A 87 6.40 16.52 5.87
C THR A 87 6.46 16.81 4.38
N LEU A 88 5.30 16.93 3.73
CA LEU A 88 5.25 17.20 2.31
C LEU A 88 4.44 18.44 1.97
N PRO A 89 5.11 19.62 1.95
CA PRO A 89 4.43 20.89 1.63
C PRO A 89 3.72 20.85 0.27
N GLN A 90 4.41 20.33 -0.75
CA GLN A 90 3.87 20.20 -2.12
C GLN A 90 2.38 19.87 -2.10
N CYS A 91 2.05 18.80 -1.39
CA CYS A 91 0.69 18.30 -1.24
C CYS A 91 -0.19 19.44 -0.70
N ASN A 92 -0.81 20.18 -1.62
CA ASN A 92 -1.64 21.35 -1.29
C ASN A 92 -2.95 21.09 -0.53
N ASP A 93 -2.90 21.34 0.77
CA ASP A 93 -4.05 21.20 1.69
C ASP A 93 -4.33 19.78 2.12
N CYS A 94 -3.29 18.95 2.19
CA CYS A 94 -3.44 17.56 2.57
C CYS A 94 -3.39 17.27 4.07
N GLU A 95 -4.09 16.22 4.46
CA GLU A 95 -4.14 15.77 5.84
C GLU A 95 -4.24 14.24 5.77
N VAL A 96 -3.47 13.56 6.60
CA VAL A 96 -3.47 12.09 6.61
C VAL A 96 -3.90 11.47 7.94
N HIS A 97 -4.07 10.15 7.91
CA HIS A 97 -4.46 9.36 9.06
C HIS A 97 -3.59 9.71 10.28
N GLY A 98 -4.22 9.87 11.43
CA GLY A 98 -3.51 10.23 12.64
C GLY A 98 -2.51 9.23 13.16
N GLY A 99 -2.95 8.00 13.36
CA GLY A 99 -2.06 6.97 13.88
C GLY A 99 -0.99 6.55 12.89
N TYR A 100 -1.30 6.73 11.62
CA TYR A 100 -0.38 6.36 10.55
C TYR A 100 0.65 7.46 10.35
N TYR A 101 0.33 8.65 10.82
CA TYR A 101 1.27 9.76 10.71
C TYR A 101 2.29 9.59 11.85
N ILE A 102 1.85 8.99 12.95
CA ILE A 102 2.75 8.75 14.08
C ILE A 102 3.80 7.75 13.65
N GLY A 103 3.37 6.74 12.91
CA GLY A 103 4.29 5.72 12.43
C GLY A 103 5.21 6.26 11.34
N TRP A 104 4.64 6.97 10.38
CA TRP A 104 5.40 7.54 9.28
C TRP A 104 6.55 8.43 9.77
N ILE A 105 6.27 9.35 10.69
CA ILE A 105 7.33 10.24 11.17
C ILE A 105 8.38 9.48 11.96
N SER A 106 8.10 8.24 12.33
CA SER A 106 9.05 7.47 13.12
C SER A 106 9.99 6.62 12.27
N VAL A 107 9.78 6.63 10.95
CA VAL A 107 10.63 5.84 10.07
C VAL A 107 11.10 6.61 8.85
N GLN A 108 10.55 7.80 8.65
CA GLN A 108 10.92 8.61 7.49
C GLN A 108 12.44 8.72 7.25
N ASP A 109 13.19 9.13 8.27
CA ASP A 109 14.65 9.27 8.14
C ASP A 109 15.32 7.95 7.77
N GLN A 110 14.87 6.89 8.42
CA GLN A 110 15.38 5.54 8.18
C GLN A 110 15.12 5.10 6.75
N VAL A 111 13.86 5.24 6.33
CA VAL A 111 13.45 4.87 4.97
C VAL A 111 14.12 5.70 3.88
N GLU A 112 14.32 6.99 4.13
CA GLU A 112 14.94 7.85 3.15
C GLU A 112 16.46 7.72 3.08
N SER A 113 17.07 7.27 4.17
CA SER A 113 18.51 7.08 4.19
C SER A 113 18.76 5.73 3.51
N LEU A 114 17.95 4.74 3.88
CA LEU A 114 18.06 3.40 3.32
C LEU A 114 17.68 3.33 1.84
N VAL A 115 16.76 4.17 1.40
CA VAL A 115 16.34 4.18 -0.01
C VAL A 115 17.34 4.87 -0.93
N LYS A 116 17.86 6.03 -0.51
CA LYS A 116 18.84 6.74 -1.32
C LYS A 116 20.15 5.94 -1.35
N GLN A 117 20.43 5.24 -0.26
CA GLN A 117 21.64 4.42 -0.16
C GLN A 117 21.66 3.38 -1.27
N GLN A 118 20.48 2.94 -1.69
CA GLN A 118 20.34 1.94 -2.74
C GLN A 118 20.21 2.56 -4.14
N ALA A 119 19.48 3.67 -4.22
CA ALA A 119 19.28 4.36 -5.49
C ALA A 119 20.60 4.95 -5.97
N SER A 120 21.34 5.57 -5.06
CA SER A 120 22.61 6.19 -5.42
C SER A 120 23.60 5.20 -6.02
N GLN A 121 23.25 3.91 -5.92
CA GLN A 121 24.09 2.86 -6.48
C GLN A 121 23.50 2.40 -7.79
N TYR A 122 22.19 2.50 -7.88
CA TYR A 122 21.46 2.07 -9.08
C TYR A 122 20.46 3.16 -9.52
N PRO A 123 20.96 4.34 -9.93
CA PRO A 123 20.09 5.44 -10.37
C PRO A 123 19.13 4.95 -11.44
N ASP A 124 19.48 3.77 -11.95
CA ASP A 124 18.75 3.09 -13.00
C ASP A 124 17.42 2.51 -12.47
N TYR A 125 17.46 1.97 -11.26
CA TYR A 125 16.31 1.34 -10.65
C TYR A 125 15.14 2.23 -10.27
N ALA A 126 13.94 1.67 -10.42
CA ALA A 126 12.69 2.35 -10.10
C ALA A 126 12.33 2.00 -8.66
N LEU A 127 11.60 2.88 -8.00
CA LEU A 127 11.21 2.63 -6.62
C LEU A 127 9.80 2.07 -6.51
N THR A 128 9.62 1.08 -5.66
CA THR A 128 8.31 0.49 -5.47
C THR A 128 8.00 0.38 -3.98
N VAL A 129 6.81 0.80 -3.59
CA VAL A 129 6.42 0.72 -2.19
C VAL A 129 5.14 -0.13 -2.10
N THR A 130 5.17 -1.18 -1.28
CA THR A 130 4.02 -2.07 -1.10
C THR A 130 3.75 -2.40 0.36
N GLY A 131 2.57 -2.95 0.63
CA GLY A 131 2.19 -3.31 2.00
C GLY A 131 0.73 -3.72 2.16
N HIS A 132 0.44 -4.43 3.25
CA HIS A 132 -0.92 -4.89 3.57
C HIS A 132 -1.45 -4.24 4.86
N SER A 133 -2.75 -3.96 4.88
CA SER A 133 -3.41 -3.35 6.03
C SER A 133 -2.75 -2.02 6.43
N LEU A 134 -2.31 -1.88 7.68
CA LEU A 134 -1.69 -0.61 8.07
C LEU A 134 -0.35 -0.50 7.33
N GLY A 135 0.23 -1.66 7.01
CA GLY A 135 1.47 -1.66 6.28
C GLY A 135 1.20 -0.98 4.95
N ALA A 136 0.01 -1.24 4.40
CA ALA A 136 -0.43 -0.70 3.12
C ALA A 136 -0.52 0.82 3.11
N SER A 137 -1.02 1.40 4.19
CA SER A 137 -1.11 2.85 4.29
C SER A 137 0.30 3.40 4.49
N MET A 138 1.10 2.74 5.32
CA MET A 138 2.48 3.18 5.56
C MET A 138 3.21 3.38 4.25
N ALA A 139 2.90 2.51 3.30
CA ALA A 139 3.49 2.54 1.98
C ALA A 139 3.01 3.74 1.18
N ALA A 140 1.78 4.16 1.44
CA ALA A 140 1.21 5.30 0.74
C ALA A 140 1.91 6.58 1.19
N LEU A 141 1.93 6.81 2.50
CA LEU A 141 2.60 7.99 3.02
C LEU A 141 4.03 7.99 2.51
N THR A 142 4.66 6.82 2.53
CA THR A 142 6.03 6.70 2.05
C THR A 142 6.15 7.05 0.58
N ALA A 143 5.42 6.32 -0.26
CA ALA A 143 5.45 6.57 -1.69
C ALA A 143 5.25 8.05 -2.00
N ALA A 144 4.23 8.65 -1.39
CA ALA A 144 3.94 10.07 -1.60
C ALA A 144 5.17 10.92 -1.33
N GLN A 145 5.77 10.72 -0.17
CA GLN A 145 6.95 11.45 0.21
C GLN A 145 8.03 11.27 -0.85
N LEU A 146 8.46 10.03 -1.03
CA LEU A 146 9.48 9.66 -2.00
C LEU A 146 9.28 10.24 -3.40
N SER A 147 8.13 9.96 -3.99
CA SER A 147 7.80 10.40 -5.34
C SER A 147 7.93 11.89 -5.63
N ALA A 148 8.14 12.70 -4.59
CA ALA A 148 8.30 14.13 -4.80
C ALA A 148 9.72 14.41 -5.30
N THR A 149 10.62 13.47 -5.00
CA THR A 149 12.03 13.58 -5.37
C THR A 149 12.45 12.64 -6.51
N TYR A 150 12.07 11.38 -6.42
CA TYR A 150 12.38 10.41 -7.48
C TYR A 150 11.20 10.55 -8.42
N ASP A 151 11.26 9.94 -9.60
CA ASP A 151 10.14 10.05 -10.56
C ASP A 151 9.39 8.73 -10.82
N ASN A 152 10.14 7.69 -11.14
CA ASN A 152 9.61 6.36 -11.43
C ASN A 152 9.19 5.56 -10.20
N VAL A 153 8.18 6.05 -9.47
CA VAL A 153 7.72 5.37 -8.26
C VAL A 153 6.36 4.66 -8.37
N ARG A 154 6.36 3.34 -8.21
CA ARG A 154 5.10 2.59 -8.26
C ARG A 154 4.63 2.32 -6.82
N LEU A 155 3.35 1.98 -6.68
CA LEU A 155 2.76 1.69 -5.37
C LEU A 155 1.68 0.62 -5.47
N TYR A 156 1.82 -0.44 -4.69
CA TYR A 156 0.85 -1.52 -4.65
C TYR A 156 0.40 -1.70 -3.20
N THR A 157 -0.91 -1.65 -2.96
CA THR A 157 -1.46 -1.81 -1.62
C THR A 157 -2.51 -2.90 -1.60
N PHE A 158 -2.71 -3.48 -0.42
CA PHE A 158 -3.69 -4.55 -0.25
C PHE A 158 -4.47 -4.36 1.05
N GLY A 159 -5.78 -4.15 0.94
CA GLY A 159 -6.57 -3.95 2.13
C GLY A 159 -6.21 -2.60 2.74
N GLU A 160 -6.06 -1.60 1.89
CA GLU A 160 -5.68 -0.28 2.34
C GLU A 160 -6.79 0.61 2.90
N PRO A 161 -6.62 1.07 4.15
CA PRO A 161 -7.59 1.93 4.82
C PRO A 161 -7.62 3.26 4.09
N ARG A 162 -8.47 4.19 4.53
CA ARG A 162 -8.53 5.49 3.90
C ARG A 162 -7.46 6.36 4.57
N SER A 163 -6.30 6.47 3.94
CA SER A 163 -5.22 7.26 4.51
C SER A 163 -5.18 8.69 4.01
N GLY A 164 -6.07 9.54 4.52
CA GLY A 164 -6.07 10.94 4.09
C GLY A 164 -7.38 11.51 3.59
N ASN A 165 -7.39 12.82 3.35
CA ASN A 165 -8.57 13.51 2.85
C ASN A 165 -8.54 13.58 1.32
N GLN A 166 -9.50 14.28 0.73
CA GLN A 166 -9.56 14.40 -0.72
C GLN A 166 -8.36 15.18 -1.26
N ALA A 167 -7.89 16.16 -0.51
CA ALA A 167 -6.76 16.95 -0.93
C ALA A 167 -5.55 16.05 -1.18
N PHE A 168 -5.44 15.01 -0.36
CA PHE A 168 -4.36 14.03 -0.46
C PHE A 168 -4.64 13.04 -1.59
N ALA A 169 -5.90 12.67 -1.73
CA ALA A 169 -6.30 11.74 -2.78
C ALA A 169 -5.95 12.28 -4.16
N SER A 170 -6.43 13.48 -4.44
CA SER A 170 -6.18 14.12 -5.72
C SER A 170 -4.70 14.47 -5.91
N TYR A 171 -3.93 14.41 -4.83
CA TYR A 171 -2.51 14.69 -4.90
C TYR A 171 -1.81 13.44 -5.43
N MET A 172 -2.20 12.29 -4.87
CA MET A 172 -1.64 11.02 -5.31
C MET A 172 -2.08 10.77 -6.75
N ASN A 173 -3.34 11.07 -7.05
CA ASN A 173 -3.87 10.86 -8.40
C ASN A 173 -3.10 11.58 -9.49
N ASP A 174 -2.59 12.77 -9.16
CA ASP A 174 -1.82 13.56 -10.12
C ASP A 174 -0.41 13.02 -10.25
N ALA A 175 0.21 12.76 -9.11
CA ALA A 175 1.57 12.25 -9.05
C ALA A 175 1.74 10.79 -9.48
N PHE A 176 0.66 10.03 -9.59
CA PHE A 176 0.78 8.63 -9.99
C PHE A 176 0.01 8.26 -11.25
N GLN A 177 -0.41 9.28 -12.00
CA GLN A 177 -1.12 9.05 -13.25
C GLN A 177 -2.36 8.15 -13.11
N VAL A 178 -3.28 8.55 -12.25
CA VAL A 178 -4.50 7.81 -12.00
C VAL A 178 -5.57 8.19 -13.03
N SER A 179 -5.36 9.33 -13.67
CA SER A 179 -6.26 9.86 -14.69
C SER A 179 -6.78 8.74 -15.59
N SER A 180 -5.97 7.72 -15.81
CA SER A 180 -6.35 6.59 -16.65
C SER A 180 -5.63 5.30 -16.24
N PRO A 181 -6.33 4.15 -16.35
CA PRO A 181 -5.81 2.82 -16.00
C PRO A 181 -4.69 2.29 -16.89
N GLU A 182 -4.32 3.01 -17.95
CA GLU A 182 -3.23 2.54 -18.82
C GLU A 182 -1.96 3.23 -18.36
N THR A 183 -2.11 4.25 -17.52
CA THR A 183 -0.95 5.00 -17.02
C THR A 183 -0.79 4.97 -15.51
N THR A 184 -1.71 4.28 -14.82
CA THR A 184 -1.67 4.22 -13.35
C THR A 184 -0.41 3.55 -12.80
N GLN A 185 0.14 4.16 -11.76
CA GLN A 185 1.31 3.63 -11.10
C GLN A 185 1.00 3.43 -9.62
N TYR A 186 -0.29 3.59 -9.29
CA TYR A 186 -0.80 3.41 -7.93
C TYR A 186 -1.96 2.42 -8.05
N PHE A 187 -1.74 1.23 -7.53
CA PHE A 187 -2.72 0.15 -7.60
C PHE A 187 -3.32 -0.15 -6.23
N ARG A 188 -4.54 0.31 -5.99
CA ARG A 188 -5.20 0.07 -4.71
C ARG A 188 -6.02 -1.22 -4.77
N VAL A 189 -5.40 -2.34 -4.41
CA VAL A 189 -6.05 -3.66 -4.46
C VAL A 189 -6.97 -4.00 -3.28
N THR A 190 -8.23 -4.33 -3.57
CA THR A 190 -9.22 -4.70 -2.55
C THR A 190 -9.74 -6.10 -2.84
N HIS A 191 -10.23 -6.76 -1.80
CA HIS A 191 -10.73 -8.12 -1.92
C HIS A 191 -12.12 -8.34 -1.34
N SER A 192 -13.01 -8.89 -2.15
CA SER A 192 -14.37 -9.21 -1.72
C SER A 192 -15.04 -8.11 -0.88
N ASN A 193 -15.53 -8.48 0.29
CA ASN A 193 -16.17 -7.50 1.15
C ASN A 193 -15.23 -7.06 2.27
N ASP A 194 -13.94 -6.97 1.93
CA ASP A 194 -12.92 -6.52 2.86
C ASP A 194 -13.48 -5.22 3.45
N GLY A 195 -13.65 -5.18 4.76
CA GLY A 195 -14.20 -4.00 5.37
C GLY A 195 -13.18 -3.02 5.88
N ILE A 196 -11.90 -3.25 5.57
CA ILE A 196 -10.87 -2.33 6.04
C ILE A 196 -10.75 -1.07 5.18
N PRO A 197 -10.83 -1.22 3.84
CA PRO A 197 -10.72 0.03 3.07
C PRO A 197 -12.00 0.88 3.21
N ASN A 198 -12.87 0.52 4.16
CA ASN A 198 -14.06 1.31 4.36
C ASN A 198 -13.87 2.25 5.55
N LEU A 199 -12.84 1.98 6.34
CA LEU A 199 -12.50 2.80 7.49
C LEU A 199 -11.24 3.61 7.22
N PRO A 200 -11.13 4.78 7.85
CA PRO A 200 -12.13 5.33 8.77
C PRO A 200 -13.35 5.86 8.01
N PRO A 201 -14.42 6.22 8.73
CA PRO A 201 -15.61 6.74 8.06
C PRO A 201 -15.32 7.94 7.17
N ALA A 202 -15.99 8.01 6.02
CA ALA A 202 -15.83 9.12 5.10
C ALA A 202 -16.62 10.34 5.61
N ASP A 203 -17.53 10.10 6.55
CA ASP A 203 -18.32 11.19 7.12
C ASP A 203 -17.34 12.14 7.77
N GLU A 204 -16.13 11.63 8.02
CA GLU A 204 -15.07 12.39 8.65
C GLU A 204 -14.12 13.08 7.66
N GLY A 205 -14.51 13.15 6.40
CA GLY A 205 -13.67 13.80 5.41
C GLY A 205 -12.56 12.96 4.81
N TYR A 206 -12.53 11.66 5.13
CA TYR A 206 -11.51 10.78 4.57
C TYR A 206 -11.90 10.44 3.14
N ALA A 207 -10.92 9.98 2.37
CA ALA A 207 -11.15 9.64 0.98
C ALA A 207 -10.05 8.75 0.42
N HIS A 208 -10.41 7.95 -0.58
CA HIS A 208 -9.46 7.05 -1.22
C HIS A 208 -8.90 7.66 -2.48
N GLY A 209 -7.82 7.05 -2.97
CA GLY A 209 -7.16 7.50 -4.18
C GLY A 209 -6.76 6.28 -5.01
N GLY A 210 -5.83 6.47 -5.94
CA GLY A 210 -5.40 5.38 -6.79
C GLY A 210 -6.53 4.77 -7.58
N VAL A 211 -6.23 3.68 -8.29
CA VAL A 211 -7.23 2.98 -9.09
C VAL A 211 -7.53 1.64 -8.43
N GLU A 212 -8.80 1.40 -8.13
CA GLU A 212 -9.20 0.18 -7.48
C GLU A 212 -9.18 -1.07 -8.34
N TYR A 213 -8.54 -2.11 -7.84
CA TYR A 213 -8.50 -3.39 -8.51
C TYR A 213 -9.28 -4.31 -7.57
N TRP A 214 -10.47 -4.71 -8.01
CA TRP A 214 -11.35 -5.54 -7.19
C TRP A 214 -11.26 -7.03 -7.46
N SER A 215 -10.90 -7.78 -6.43
CA SER A 215 -10.76 -9.22 -6.52
C SER A 215 -11.96 -9.94 -5.93
N VAL A 216 -12.51 -10.89 -6.69
CA VAL A 216 -13.65 -11.69 -6.25
C VAL A 216 -13.24 -13.15 -6.20
N ASP A 217 -14.03 -13.98 -5.52
CA ASP A 217 -13.73 -15.40 -5.39
C ASP A 217 -14.46 -16.27 -6.41
N PRO A 218 -13.74 -17.20 -7.04
CA PRO A 218 -12.30 -17.44 -6.88
C PRO A 218 -11.41 -16.30 -7.43
N TYR A 219 -10.19 -16.17 -6.89
CA TYR A 219 -9.23 -15.11 -7.26
C TYR A 219 -9.26 -14.72 -8.74
N SER A 220 -8.34 -15.29 -9.51
CA SER A 220 -8.24 -15.05 -10.95
C SER A 220 -8.05 -13.61 -11.45
N ALA A 221 -7.56 -13.51 -12.69
CA ALA A 221 -7.33 -12.24 -13.38
C ALA A 221 -8.63 -11.91 -14.12
N GLN A 222 -9.37 -12.96 -14.42
CA GLN A 222 -10.63 -12.85 -15.12
C GLN A 222 -11.64 -12.35 -14.10
N ASN A 223 -11.35 -12.58 -12.82
CA ASN A 223 -12.23 -12.13 -11.74
C ASN A 223 -11.64 -10.97 -10.93
N THR A 224 -11.11 -9.99 -11.65
CA THR A 224 -10.56 -8.79 -11.02
C THR A 224 -11.11 -7.61 -11.81
N PHE A 225 -11.87 -6.76 -11.13
CA PHE A 225 -12.47 -5.60 -11.77
C PHE A 225 -11.58 -4.37 -11.64
N VAL A 226 -11.59 -3.55 -12.67
CA VAL A 226 -10.84 -2.30 -12.68
C VAL A 226 -11.89 -1.24 -12.32
N CYS A 227 -11.87 -0.80 -11.06
CA CYS A 227 -12.84 0.19 -10.61
C CYS A 227 -12.24 1.57 -10.53
N THR A 228 -12.91 2.54 -11.13
CA THR A 228 -12.44 3.93 -11.13
C THR A 228 -13.57 4.94 -10.94
N GLY A 229 -13.20 6.21 -10.96
CA GLY A 229 -14.19 7.27 -10.82
C GLY A 229 -14.61 7.40 -9.38
N ASP A 230 -15.56 8.27 -9.13
CA ASP A 230 -16.01 8.48 -7.77
C ASP A 230 -17.51 8.40 -7.52
N GLU A 231 -17.87 7.28 -6.90
CA GLU A 231 -19.22 6.92 -6.52
C GLU A 231 -19.11 5.59 -5.80
N VAL A 232 -20.24 5.01 -5.38
CA VAL A 232 -20.27 3.73 -4.66
C VAL A 232 -20.29 2.53 -5.62
N GLN A 233 -19.35 1.62 -5.42
CA GLN A 233 -19.23 0.46 -6.29
C GLN A 233 -18.18 -0.49 -5.72
N CYS A 234 -18.00 -1.61 -6.39
CA CYS A 234 -17.01 -2.60 -6.02
C CYS A 234 -16.88 -2.86 -4.52
N CYS A 235 -15.67 -2.96 -3.99
CA CYS A 235 -15.47 -3.25 -2.57
C CYS A 235 -16.26 -2.35 -1.61
N GLU A 236 -16.30 -1.06 -1.88
CA GLU A 236 -17.04 -0.14 -1.01
C GLU A 236 -18.54 -0.49 -0.99
N ALA A 237 -19.04 -0.98 -2.13
CA ALA A 237 -20.46 -1.34 -2.27
C ALA A 237 -20.91 -2.58 -1.50
N GLN A 238 -19.97 -3.41 -1.05
CA GLN A 238 -20.30 -4.62 -0.31
C GLN A 238 -20.48 -4.30 1.17
N GLY A 239 -19.94 -3.16 1.59
CA GLY A 239 -20.06 -2.75 2.97
C GLY A 239 -19.56 -3.68 4.07
N GLY A 240 -18.38 -4.28 3.87
CA GLY A 240 -17.83 -5.14 4.91
C GLY A 240 -17.64 -4.26 6.14
N GLN A 241 -17.66 -4.83 7.34
CA GLN A 241 -17.48 -4.03 8.54
C GLN A 241 -16.03 -3.66 8.82
N GLY A 242 -15.31 -4.61 9.40
CA GLY A 242 -13.90 -4.39 9.72
C GLY A 242 -13.28 -5.72 10.07
N VAL A 243 -11.99 -5.86 9.77
CA VAL A 243 -11.27 -7.09 10.06
C VAL A 243 -12.12 -8.35 9.87
N ASN A 244 -12.18 -8.83 8.63
CA ASN A 244 -12.94 -10.02 8.32
C ASN A 244 -12.03 -10.93 7.49
N ASP A 245 -12.42 -12.19 7.33
CA ASP A 245 -11.63 -13.15 6.56
C ASP A 245 -11.13 -12.61 5.23
N ALA A 246 -11.96 -11.77 4.59
CA ALA A 246 -11.58 -11.21 3.30
C ALA A 246 -10.33 -10.35 3.41
N HIS A 247 -10.17 -9.70 4.56
CA HIS A 247 -9.02 -8.85 4.82
C HIS A 247 -7.69 -9.60 4.92
N THR A 248 -7.63 -10.53 5.86
CA THR A 248 -6.42 -11.31 6.13
C THR A 248 -5.89 -12.14 4.97
N THR A 249 -6.79 -12.64 4.12
CA THR A 249 -6.36 -13.46 2.99
C THR A 249 -6.53 -12.71 1.67
N TYR A 250 -5.44 -12.62 0.91
CA TYR A 250 -5.45 -11.94 -0.39
C TYR A 250 -4.85 -12.87 -1.44
N PHE A 251 -5.62 -13.13 -2.50
CA PHE A 251 -5.21 -14.05 -3.57
C PHE A 251 -4.89 -15.40 -2.95
N GLY A 252 -5.66 -15.76 -1.93
CA GLY A 252 -5.46 -17.02 -1.24
C GLY A 252 -4.25 -17.14 -0.34
N MET A 253 -3.76 -16.01 0.15
CA MET A 253 -2.59 -15.97 1.03
C MET A 253 -2.90 -15.17 2.29
N THR A 254 -2.88 -15.86 3.42
CA THR A 254 -3.17 -15.24 4.71
C THR A 254 -1.94 -14.50 5.28
N SER A 255 -2.23 -13.43 6.03
CA SER A 255 -1.17 -12.63 6.65
C SER A 255 -0.48 -13.51 7.68
N GLY A 256 -1.29 -14.20 8.48
CA GLY A 256 -0.79 -15.08 9.52
C GLY A 256 0.61 -15.55 9.19
N ALA A 257 0.73 -16.27 8.08
CA ALA A 257 2.02 -16.77 7.64
C ALA A 257 2.00 -17.84 6.56
N CYS A 258 3.16 -17.93 5.94
CA CYS A 258 3.56 -18.81 4.85
C CYS A 258 2.74 -20.03 4.55
N THR A 259 2.61 -20.27 3.24
CA THR A 259 1.90 -21.40 2.64
C THR A 259 2.15 -21.25 1.15
N TRP A 260 2.92 -20.23 0.80
CA TRP A 260 3.25 -19.96 -0.60
C TRP A 260 4.71 -20.32 -0.88
#